data_1EI9
#
_entry.id   1EI9
#
_cell.length_a   69.350
_cell.length_b   69.350
_cell.length_c   128.390
_cell.angle_alpha   90.00
_cell.angle_beta   90.00
_cell.angle_gamma   90.00
#
_symmetry.space_group_name_H-M   'P 41 2 2'
#
loop_
_entity.id
_entity.type
_entity.pdbx_description
1 polymer 'PALMITOYL PROTEIN THIOESTERASE 1'
2 branched 2-acetamido-2-deoxy-beta-D-glucopyranose-(1-4)-2-acetamido-2-deoxy-beta-D-glucopyranose
3 non-polymer 2-acetamido-2-deoxy-beta-D-glucopyranose
4 water water
#
_entity_poly.entity_id   1
_entity_poly.type   'polypeptide(L)'
_entity_poly.pdbx_seq_one_letter_code
;DPPAPLPLVIWHGMGDSCCNPLSMGAIKKMVEKKIPGIHVLSLEIGKTLREDVENSFFLNVNSQVTTVCQILAKDPKLQQ
GYNAMGFSQGGQFLRAVAQRCPSPPMVNLISVGGQHQGVFGLPRCPGESSHICDFIRKTLNAGAYNKAIQERLVQAEYWH
DPIREDIYRNHSIFLADINQERGVNESYKKNLMALKKFVMVKFLNDTIVDPVDSEWFGFYRSGQAKETIPLQESTLYTQD
RLGLKAMDKAGQLVFLALEGDHLQLSEEWFYAHIIPFLE
;
_entity_poly.pdbx_strand_id   A
#
loop_
_chem_comp.id
_chem_comp.type
_chem_comp.name
_chem_comp.formula
NAG D-saccharide, beta linking 2-acetamido-2-deoxy-beta-D-glucopyranose 'C8 H15 N O6'
#
# COMPACT_ATOMS: atom_id res chain seq x y z
N ASP A 1 12.98 -17.72 -21.91
CA ASP A 1 13.93 -16.58 -21.79
C ASP A 1 13.45 -15.55 -20.76
N PRO A 2 14.38 -14.78 -20.19
CA PRO A 2 14.10 -13.73 -19.19
C PRO A 2 12.85 -12.87 -19.40
N PRO A 3 12.58 -12.44 -20.64
CA PRO A 3 11.40 -11.62 -20.90
C PRO A 3 10.05 -12.28 -20.59
N ALA A 4 9.94 -13.57 -20.84
CA ALA A 4 8.70 -14.32 -20.60
C ALA A 4 8.31 -14.30 -19.12
N PRO A 5 9.27 -14.58 -18.22
CA PRO A 5 8.93 -14.56 -16.80
C PRO A 5 9.48 -13.30 -16.15
N LEU A 6 8.64 -12.28 -15.99
CA LEU A 6 9.05 -11.05 -15.35
C LEU A 6 9.15 -11.32 -13.84
N PRO A 7 10.28 -10.94 -13.22
CA PRO A 7 10.53 -11.12 -11.79
C PRO A 7 9.44 -10.47 -10.93
N LEU A 8 9.14 -11.07 -9.79
CA LEU A 8 8.13 -10.53 -8.88
C LEU A 8 8.76 -10.12 -7.56
N VAL A 9 8.39 -8.93 -7.09
CA VAL A 9 8.89 -8.40 -5.83
C VAL A 9 7.71 -8.37 -4.86
N ILE A 10 7.94 -8.84 -3.63
CA ILE A 10 6.88 -8.87 -2.62
C ILE A 10 7.23 -8.11 -1.34
N TRP A 11 6.27 -7.37 -0.80
CA TRP A 11 6.50 -6.66 0.46
C TRP A 11 5.34 -7.05 1.39
N HIS A 12 5.68 -7.77 2.46
CA HIS A 12 4.68 -8.24 3.43
C HIS A 12 4.03 -7.12 4.24
N GLY A 13 2.98 -7.46 4.98
CA GLY A 13 2.29 -6.47 5.80
C GLY A 13 2.77 -6.40 7.24
N MET A 14 2.04 -5.64 8.05
CA MET A 14 2.38 -5.47 9.45
C MET A 14 2.28 -6.77 10.27
N GLY A 15 3.31 -7.02 11.06
CA GLY A 15 3.33 -8.20 11.91
C GLY A 15 3.73 -9.48 11.23
N ASP A 16 4.04 -9.40 9.94
CA ASP A 16 4.42 -10.58 9.17
C ASP A 16 5.88 -10.43 8.72
N SER A 17 6.42 -11.46 8.08
CA SER A 17 7.82 -11.44 7.60
C SER A 17 7.97 -11.87 6.14
N CYS A 18 9.22 -11.85 5.67
CA CYS A 18 9.53 -12.21 4.28
C CYS A 18 9.37 -13.65 3.95
N CYS A 19 9.75 -14.47 4.90
CA CYS A 19 9.82 -15.87 4.62
C CYS A 19 9.11 -16.90 5.49
N ASN A 20 7.86 -16.64 5.86
CA ASN A 20 7.12 -17.59 6.67
C ASN A 20 6.31 -18.53 5.78
N PRO A 21 6.57 -19.84 5.88
CA PRO A 21 5.90 -20.90 5.13
C PRO A 21 4.38 -20.77 5.03
N LEU A 22 3.74 -20.22 6.06
CA LEU A 22 2.28 -20.09 6.02
C LEU A 22 1.70 -18.79 5.44
N SER A 23 2.54 -17.77 5.23
CA SER A 23 2.06 -16.50 4.71
C SER A 23 2.63 -15.93 3.40
N MET A 24 3.92 -15.58 3.39
CA MET A 24 4.54 -15.01 2.18
C MET A 24 5.28 -16.13 1.46
N GLY A 25 5.74 -17.10 2.24
CA GLY A 25 6.45 -18.23 1.67
C GLY A 25 5.47 -19.05 0.86
N ALA A 26 4.22 -19.12 1.30
CA ALA A 26 3.19 -19.87 0.59
C ALA A 26 2.80 -19.12 -0.68
N ILE A 27 2.94 -17.79 -0.64
CA ILE A 27 2.62 -16.97 -1.79
C ILE A 27 3.69 -17.24 -2.83
N LYS A 28 4.94 -17.22 -2.38
CA LYS A 28 6.11 -17.43 -3.22
C LYS A 28 6.06 -18.75 -4.01
N LYS A 29 5.58 -19.81 -3.36
CA LYS A 29 5.49 -21.11 -4.02
C LYS A 29 4.24 -21.27 -4.86
N MET A 30 3.20 -20.53 -4.52
CA MET A 30 1.94 -20.58 -5.26
C MET A 30 2.08 -19.75 -6.56
N VAL A 31 3.20 -19.04 -6.68
CA VAL A 31 3.50 -18.23 -7.86
C VAL A 31 4.55 -18.95 -8.70
N GLU A 32 5.50 -19.60 -8.03
CA GLU A 32 6.54 -20.34 -8.74
C GLU A 32 5.91 -21.59 -9.35
N LYS A 33 4.71 -21.92 -8.89
CA LYS A 33 4.00 -23.09 -9.39
C LYS A 33 3.41 -22.79 -10.76
N LYS A 34 2.46 -21.86 -10.78
CA LYS A 34 1.76 -21.47 -12.00
C LYS A 34 2.61 -20.69 -13.02
N ILE A 35 3.88 -20.47 -12.70
CA ILE A 35 4.76 -19.72 -13.59
C ILE A 35 6.19 -20.25 -13.49
N PRO A 36 6.49 -21.33 -14.21
CA PRO A 36 7.82 -21.94 -14.19
C PRO A 36 8.96 -20.99 -14.57
N GLY A 37 10.01 -21.00 -13.75
CA GLY A 37 11.18 -20.17 -14.00
C GLY A 37 11.21 -18.78 -13.39
N ILE A 38 10.06 -18.29 -12.92
CA ILE A 38 10.00 -16.94 -12.34
C ILE A 38 10.92 -16.74 -11.14
N HIS A 39 11.53 -15.55 -11.06
CA HIS A 39 12.41 -15.21 -9.96
C HIS A 39 11.61 -14.34 -8.99
N VAL A 40 11.39 -14.85 -7.78
CA VAL A 40 10.64 -14.11 -6.76
C VAL A 40 11.53 -13.63 -5.62
N LEU A 41 11.45 -12.34 -5.33
CA LEU A 41 12.24 -11.73 -4.27
C LEU A 41 11.30 -11.17 -3.19
N SER A 42 11.27 -11.82 -2.03
CA SER A 42 10.41 -11.35 -0.94
C SER A 42 11.24 -10.48 0.00
N LEU A 43 11.01 -9.18 -0.06
CA LEU A 43 11.74 -8.21 0.74
C LEU A 43 11.79 -8.51 2.23
N GLU A 44 12.98 -8.31 2.80
CA GLU A 44 13.23 -8.49 4.22
C GLU A 44 13.96 -7.25 4.70
N ILE A 45 13.32 -6.51 5.61
CA ILE A 45 13.89 -5.28 6.16
C ILE A 45 14.64 -5.57 7.46
N GLY A 46 15.97 -5.55 7.39
CA GLY A 46 16.79 -5.83 8.56
C GLY A 46 17.62 -7.07 8.29
N LYS A 47 18.37 -7.54 9.30
CA LYS A 47 19.22 -8.70 9.11
C LYS A 47 18.62 -10.05 9.52
N THR A 48 17.58 -10.05 10.34
CA THR A 48 16.97 -11.31 10.76
C THR A 48 15.45 -11.24 10.68
N LEU A 49 14.80 -12.38 10.88
CA LEU A 49 13.34 -12.47 10.85
C LEU A 49 12.74 -11.62 11.96
N ARG A 50 13.39 -11.64 13.11
CA ARG A 50 12.92 -10.89 14.27
C ARG A 50 12.95 -9.39 14.02
N GLU A 51 14.00 -8.91 13.35
CA GLU A 51 14.12 -7.49 13.06
C GLU A 51 13.11 -7.09 11.98
N ASP A 52 12.84 -8.01 11.07
CA ASP A 52 11.90 -7.79 9.99
C ASP A 52 10.48 -7.59 10.53
N VAL A 53 10.07 -8.41 11.48
CA VAL A 53 8.74 -8.28 12.05
C VAL A 53 8.61 -7.03 12.91
N GLU A 54 9.59 -6.78 13.79
CA GLU A 54 9.50 -5.61 14.64
C GLU A 54 9.66 -4.35 13.81
N ASN A 55 10.38 -4.45 12.70
CA ASN A 55 10.55 -3.30 11.81
C ASN A 55 9.21 -2.93 11.18
N SER A 56 8.32 -3.91 11.00
CA SER A 56 7.02 -3.63 10.40
C SER A 56 6.19 -2.72 11.31
N PHE A 57 6.60 -2.60 12.57
CA PHE A 57 5.92 -1.75 13.55
C PHE A 57 6.72 -0.54 14.00
N PHE A 58 8.04 -0.69 14.13
CA PHE A 58 8.88 0.38 14.67
C PHE A 58 9.98 1.07 13.87
N LEU A 59 9.99 0.97 12.55
CA LEU A 59 11.04 1.63 11.76
C LEU A 59 10.46 2.62 10.75
N ASN A 60 10.95 3.85 10.80
CA ASN A 60 10.51 4.93 9.92
C ASN A 60 10.29 4.41 8.48
N VAL A 61 9.07 4.56 7.97
CA VAL A 61 8.77 4.09 6.63
C VAL A 61 9.66 4.67 5.55
N ASN A 62 9.88 5.98 5.58
CA ASN A 62 10.72 6.59 4.57
C ASN A 62 12.09 5.91 4.56
N SER A 63 12.57 5.51 5.74
CA SER A 63 13.85 4.82 5.84
C SER A 63 13.78 3.39 5.28
N GLN A 64 12.63 2.74 5.42
CA GLN A 64 12.47 1.39 4.88
C GLN A 64 12.49 1.44 3.35
N VAL A 65 11.79 2.43 2.81
CA VAL A 65 11.69 2.60 1.36
C VAL A 65 13.05 2.85 0.71
N THR A 66 13.88 3.70 1.31
CA THR A 66 15.20 3.97 0.75
C THR A 66 16.03 2.69 0.84
N THR A 67 15.82 1.92 1.90
CA THR A 67 16.55 0.66 2.05
C THR A 67 16.12 -0.30 0.93
N VAL A 68 14.81 -0.37 0.68
CA VAL A 68 14.28 -1.24 -0.38
C VAL A 68 14.78 -0.85 -1.77
N CYS A 69 14.74 0.43 -2.09
CA CYS A 69 15.20 0.89 -3.40
C CYS A 69 16.68 0.56 -3.58
N GLN A 70 17.41 0.46 -2.47
CA GLN A 70 18.84 0.14 -2.50
C GLN A 70 19.02 -1.32 -2.87
N ILE A 71 18.12 -2.17 -2.38
CA ILE A 71 18.15 -3.59 -2.64
C ILE A 71 17.73 -3.91 -4.08
N LEU A 72 16.66 -3.25 -4.55
CA LEU A 72 16.18 -3.48 -5.91
C LEU A 72 17.22 -3.08 -6.95
N ALA A 73 18.09 -2.14 -6.59
CA ALA A 73 19.13 -1.63 -7.48
C ALA A 73 20.36 -2.53 -7.58
N LYS A 74 20.56 -3.39 -6.58
CA LYS A 74 21.71 -4.29 -6.58
C LYS A 74 21.36 -5.69 -7.07
N ASP A 75 20.12 -5.89 -7.47
CA ASP A 75 19.69 -7.20 -7.97
C ASP A 75 19.64 -7.14 -9.50
N PRO A 76 20.59 -7.80 -10.17
CA PRO A 76 20.71 -7.85 -11.63
C PRO A 76 19.48 -8.31 -12.42
N LYS A 77 18.77 -9.31 -11.91
CA LYS A 77 17.60 -9.84 -12.59
C LYS A 77 16.42 -8.87 -12.69
N LEU A 78 16.50 -7.73 -12.02
CA LEU A 78 15.40 -6.77 -12.03
C LEU A 78 15.57 -5.59 -12.99
N GLN A 79 16.82 -5.31 -13.37
CA GLN A 79 17.15 -4.18 -14.25
C GLN A 79 16.30 -3.94 -15.49
N GLN A 80 15.59 -4.96 -15.96
CA GLN A 80 14.77 -4.80 -17.15
C GLN A 80 13.27 -4.75 -16.86
N GLY A 81 12.89 -4.52 -15.61
CA GLY A 81 11.49 -4.47 -15.28
C GLY A 81 11.11 -5.48 -14.22
N TYR A 82 10.02 -5.20 -13.49
CA TYR A 82 9.60 -6.11 -12.44
C TYR A 82 8.21 -5.80 -11.92
N ASN A 83 7.48 -6.86 -11.62
CA ASN A 83 6.14 -6.71 -11.07
C ASN A 83 6.29 -6.66 -9.54
N ALA A 84 5.36 -5.99 -8.88
CA ALA A 84 5.42 -5.84 -7.44
C ALA A 84 4.06 -6.17 -6.86
N MET A 85 4.06 -6.76 -5.68
CA MET A 85 2.83 -7.15 -5.01
C MET A 85 2.97 -6.88 -3.52
N GLY A 86 2.17 -5.97 -3.00
CA GLY A 86 2.24 -5.65 -1.59
C GLY A 86 1.01 -6.08 -0.82
N PHE A 87 1.23 -6.59 0.39
CA PHE A 87 0.13 -7.04 1.25
C PHE A 87 -0.11 -6.06 2.38
N SER A 88 -1.38 -5.70 2.51
CA SER A 88 -1.78 -4.75 3.56
C SER A 88 -0.89 -3.50 3.42
N GLN A 89 -0.31 -3.00 4.51
CA GLN A 89 0.51 -1.80 4.39
C GLN A 89 1.59 -1.93 3.33
N GLY A 90 1.93 -3.17 2.98
CA GLY A 90 2.93 -3.39 1.94
C GLY A 90 2.46 -2.72 0.66
N GLY A 91 1.17 -2.53 0.54
CA GLY A 91 0.59 -1.90 -0.64
C GLY A 91 1.00 -0.45 -0.87
N GLN A 92 0.76 0.42 0.11
CA GLN A 92 1.14 1.83 -0.03
C GLN A 92 2.66 1.95 -0.01
N PHE A 93 3.33 1.02 0.66
CA PHE A 93 4.79 1.03 0.73
C PHE A 93 5.44 0.81 -0.65
N LEU A 94 4.84 -0.05 -1.46
CA LEU A 94 5.36 -0.33 -2.79
C LEU A 94 5.02 0.79 -3.76
N ARG A 95 3.88 1.46 -3.55
CA ARG A 95 3.51 2.60 -4.38
C ARG A 95 4.52 3.74 -4.13
N ALA A 96 5.05 3.81 -2.91
CA ALA A 96 6.04 4.84 -2.60
C ALA A 96 7.34 4.54 -3.35
N VAL A 97 7.69 3.25 -3.41
CA VAL A 97 8.89 2.82 -4.13
C VAL A 97 8.73 3.22 -5.60
N ALA A 98 7.54 3.01 -6.15
CA ALA A 98 7.29 3.36 -7.54
C ALA A 98 7.46 4.85 -7.79
N GLN A 99 6.92 5.65 -6.86
CA GLN A 99 6.97 7.11 -6.98
C GLN A 99 8.36 7.71 -6.71
N ARG A 100 9.15 7.07 -5.86
CA ARG A 100 10.47 7.59 -5.49
C ARG A 100 11.69 7.01 -6.21
N CYS A 101 11.62 5.80 -6.72
CA CYS A 101 12.78 5.26 -7.42
C CYS A 101 12.42 4.52 -8.70
N PRO A 102 12.40 5.26 -9.82
CA PRO A 102 12.08 4.81 -11.17
C PRO A 102 13.01 3.75 -11.77
N SER A 103 14.14 3.48 -11.12
CA SER A 103 15.08 2.48 -11.63
C SER A 103 15.63 1.59 -10.51
N PRO A 104 15.50 0.26 -10.66
CA PRO A 104 14.86 -0.41 -11.79
C PRO A 104 13.38 -0.04 -11.94
N PRO A 105 12.82 -0.22 -13.14
CA PRO A 105 11.43 0.09 -13.45
C PRO A 105 10.36 -0.93 -13.08
N MET A 106 9.38 -0.47 -12.29
CA MET A 106 8.27 -1.31 -11.86
C MET A 106 7.28 -1.35 -13.02
N VAL A 107 6.66 -2.52 -13.25
CA VAL A 107 5.71 -2.72 -14.34
C VAL A 107 4.26 -2.76 -13.86
N ASN A 108 3.88 -3.86 -13.24
CA ASN A 108 2.54 -4.01 -12.68
C ASN A 108 2.64 -3.89 -11.15
N LEU A 109 1.74 -3.15 -10.53
CA LEU A 109 1.74 -2.99 -9.08
C LEU A 109 0.45 -3.58 -8.57
N ILE A 110 0.54 -4.67 -7.80
CA ILE A 110 -0.65 -5.31 -7.26
C ILE A 110 -0.80 -5.02 -5.76
N SER A 111 -1.86 -4.29 -5.40
CA SER A 111 -2.13 -3.93 -4.03
C SER A 111 -3.24 -4.78 -3.43
N VAL A 112 -2.88 -5.65 -2.49
CA VAL A 112 -3.85 -6.54 -1.84
C VAL A 112 -4.24 -6.03 -0.44
N GLY A 113 -5.31 -5.24 -0.39
CA GLY A 113 -5.80 -4.70 0.86
C GLY A 113 -4.96 -3.53 1.38
N GLY A 114 -4.30 -2.80 0.48
CA GLY A 114 -3.48 -1.68 0.90
C GLY A 114 -4.31 -0.47 1.31
N GLN A 115 -3.72 0.44 2.07
CA GLN A 115 -4.45 1.61 2.50
C GLN A 115 -3.86 2.90 1.87
N HIS A 116 -4.21 3.12 0.61
CA HIS A 116 -3.71 4.26 -0.15
C HIS A 116 -4.12 5.65 0.35
N GLN A 117 -5.13 5.72 1.20
CA GLN A 117 -5.52 7.01 1.76
C GLN A 117 -5.40 6.94 3.29
N GLY A 118 -4.68 5.93 3.77
CA GLY A 118 -4.47 5.74 5.20
C GLY A 118 -5.65 5.14 5.92
N VAL A 119 -5.70 5.32 7.24
CA VAL A 119 -6.80 4.79 8.05
C VAL A 119 -7.21 5.78 9.15
N PHE A 120 -8.43 5.67 9.64
CA PHE A 120 -8.93 6.53 10.72
C PHE A 120 -9.94 5.74 11.54
N GLY A 121 -9.44 4.81 12.32
CA GLY A 121 -10.29 3.99 13.15
C GLY A 121 -9.51 2.77 13.59
N LEU A 122 -9.99 2.09 14.63
CA LEU A 122 -9.30 0.91 15.11
C LEU A 122 -10.02 -0.37 14.72
N PRO A 123 -9.26 -1.46 14.53
CA PRO A 123 -9.78 -2.78 14.15
C PRO A 123 -10.94 -3.26 15.01
N ARG A 124 -12.04 -3.63 14.37
CA ARG A 124 -13.22 -4.13 15.07
C ARG A 124 -13.87 -3.11 16.00
N CYS A 125 -13.61 -1.83 15.76
CA CYS A 125 -14.16 -0.78 16.61
C CYS A 125 -14.97 0.26 15.81
N PRO A 126 -16.06 -0.16 15.16
CA PRO A 126 -16.91 0.76 14.38
C PRO A 126 -17.37 1.99 15.18
N GLY A 127 -17.21 3.18 14.60
CA GLY A 127 -17.60 4.38 15.30
C GLY A 127 -19.06 4.81 15.19
N GLU A 128 -19.78 4.22 14.23
CA GLU A 128 -21.19 4.57 14.03
C GLU A 128 -22.02 4.45 15.31
N SER A 129 -22.06 3.27 15.91
CA SER A 129 -22.86 3.07 17.11
C SER A 129 -22.09 2.85 18.41
N SER A 130 -20.90 3.42 18.51
CA SER A 130 -20.12 3.26 19.73
C SER A 130 -19.36 4.54 20.06
N HIS A 131 -19.69 5.12 21.21
CA HIS A 131 -19.05 6.36 21.65
C HIS A 131 -17.57 6.20 22.03
N ILE A 132 -17.22 5.12 22.72
CA ILE A 132 -15.84 4.89 23.14
C ILE A 132 -14.93 4.71 21.93
N CYS A 133 -15.35 3.87 20.98
CA CYS A 133 -14.55 3.66 19.78
C CYS A 133 -14.29 4.99 19.06
N ASP A 134 -15.31 5.83 18.97
CA ASP A 134 -15.20 7.12 18.26
C ASP A 134 -14.28 8.14 18.95
N PHE A 135 -14.32 8.16 20.28
CA PHE A 135 -13.51 9.11 21.04
C PHE A 135 -12.02 8.87 20.80
N ILE A 136 -11.61 7.61 20.91
CA ILE A 136 -10.21 7.24 20.71
C ILE A 136 -9.57 7.76 19.43
N ARG A 137 -10.15 7.43 18.27
CA ARG A 137 -9.54 7.89 17.03
C ARG A 137 -9.41 9.41 16.94
N LYS A 138 -10.49 10.14 17.24
CA LYS A 138 -10.47 11.60 17.20
C LYS A 138 -9.55 12.22 18.26
N THR A 139 -9.09 11.42 19.20
CA THR A 139 -8.22 11.93 20.26
C THR A 139 -6.74 11.61 20.12
N LEU A 140 -6.41 10.51 19.45
CA LEU A 140 -5.01 10.13 19.28
C LEU A 140 -4.31 11.06 18.29
N ASN A 141 -5.04 12.04 17.78
CA ASN A 141 -4.47 12.96 16.83
C ASN A 141 -3.32 13.77 17.41
N ALA A 142 -3.44 14.17 18.67
CA ALA A 142 -2.36 14.92 19.31
C ALA A 142 -1.16 14.00 19.36
N GLY A 143 -1.40 12.73 19.64
CA GLY A 143 -0.33 11.75 19.71
C GLY A 143 0.23 11.34 18.36
N ALA A 144 -0.64 10.86 17.48
CA ALA A 144 -0.25 10.42 16.15
C ALA A 144 0.56 11.43 15.37
N TYR A 145 0.26 12.72 15.53
CA TYR A 145 0.99 13.75 14.80
C TYR A 145 2.13 14.40 15.58
N ASN A 146 2.41 13.90 16.77
CA ASN A 146 3.51 14.43 17.57
C ASN A 146 4.79 14.02 16.84
N LYS A 147 5.67 14.98 16.63
CA LYS A 147 6.93 14.77 15.90
C LYS A 147 7.72 13.52 16.25
N ALA A 148 7.90 13.27 17.55
CA ALA A 148 8.67 12.09 17.98
C ALA A 148 7.94 10.79 17.66
N ILE A 149 6.62 10.79 17.79
CA ILE A 149 5.82 9.61 17.49
C ILE A 149 5.82 9.32 15.99
N GLN A 150 5.65 10.35 15.17
CA GLN A 150 5.62 10.21 13.72
C GLN A 150 6.80 9.46 13.10
N GLU A 151 8.00 9.64 13.65
CA GLU A 151 9.17 8.98 13.10
C GLU A 151 9.52 7.63 13.73
N ARG A 152 8.82 7.24 14.78
CA ARG A 152 9.07 5.96 15.44
C ARG A 152 7.92 4.98 15.30
N LEU A 153 6.79 5.44 14.80
CA LEU A 153 5.63 4.57 14.69
C LEU A 153 5.14 4.45 13.25
N VAL A 154 5.17 3.22 12.72
CA VAL A 154 4.73 2.97 11.34
C VAL A 154 3.28 3.35 11.13
N GLN A 155 2.39 2.85 11.98
CA GLN A 155 0.95 3.13 11.86
C GLN A 155 0.68 4.63 11.83
N ALA A 156 1.35 5.37 12.70
CA ALA A 156 1.14 6.82 12.75
C ALA A 156 1.45 7.48 11.40
N GLU A 157 2.36 6.89 10.64
CA GLU A 157 2.77 7.46 9.35
C GLU A 157 1.74 7.42 8.22
N TYR A 158 0.64 6.68 8.43
CA TYR A 158 -0.43 6.69 7.45
C TYR A 158 -1.79 6.88 8.13
N TRP A 159 -1.77 7.39 9.36
CA TRP A 159 -3.01 7.70 10.10
C TRP A 159 -3.49 8.98 9.42
N HIS A 160 -4.74 8.98 8.96
CA HIS A 160 -5.28 10.12 8.23
C HIS A 160 -6.54 10.68 8.91
N ASP A 161 -6.39 11.81 9.58
CA ASP A 161 -7.50 12.45 10.27
C ASP A 161 -8.24 13.37 9.32
N PRO A 162 -9.50 13.03 8.98
CA PRO A 162 -10.37 13.80 8.08
C PRO A 162 -11.04 15.02 8.72
N ILE A 163 -11.28 14.96 10.02
CA ILE A 163 -11.91 16.08 10.71
C ILE A 163 -10.93 17.26 10.74
N ARG A 164 -9.70 17.00 11.13
CA ARG A 164 -8.68 18.03 11.14
C ARG A 164 -7.61 17.68 10.11
N GLU A 165 -7.98 17.84 8.85
CA GLU A 165 -7.09 17.50 7.75
C GLU A 165 -5.85 18.39 7.64
N ASP A 166 -5.92 19.64 8.06
CA ASP A 166 -4.74 20.51 7.96
C ASP A 166 -3.62 20.04 8.90
N ILE A 167 -4.00 19.50 10.05
CA ILE A 167 -2.99 19.00 10.98
C ILE A 167 -2.36 17.78 10.34
N TYR A 168 -3.16 17.01 9.62
CA TYR A 168 -2.67 15.81 8.95
C TYR A 168 -1.71 16.22 7.81
N ARG A 169 -2.07 17.27 7.07
CA ARG A 169 -1.25 17.72 5.96
C ARG A 169 0.13 18.24 6.39
N ASN A 170 0.15 18.96 7.50
CA ASN A 170 1.40 19.55 7.97
C ASN A 170 2.33 18.62 8.78
N HIS A 171 1.79 17.53 9.32
CA HIS A 171 2.64 16.67 10.15
C HIS A 171 2.94 15.22 9.70
N SER A 172 2.18 14.67 8.77
CA SER A 172 2.45 13.31 8.32
C SER A 172 3.70 13.29 7.44
N ILE A 173 4.72 12.55 7.87
CA ILE A 173 5.96 12.49 7.09
C ILE A 173 5.97 11.45 5.97
N PHE A 174 4.93 10.61 5.89
CA PHE A 174 4.89 9.60 4.83
C PHE A 174 3.68 9.72 3.93
N LEU A 175 2.51 9.32 4.42
CA LEU A 175 1.32 9.38 3.60
C LEU A 175 1.09 10.74 2.95
N ALA A 176 1.22 11.82 3.73
CA ALA A 176 1.02 13.17 3.20
C ALA A 176 2.00 13.50 2.08
N ASP A 177 3.21 12.99 2.17
CA ASP A 177 4.16 13.25 1.11
C ASP A 177 3.81 12.53 -0.19
N ILE A 178 3.59 11.22 -0.12
CA ILE A 178 3.27 10.47 -1.34
C ILE A 178 1.90 10.75 -1.91
N ASN A 179 1.03 11.39 -1.14
CA ASN A 179 -0.29 11.72 -1.66
C ASN A 179 -0.38 13.17 -2.15
N GLN A 180 0.77 13.83 -2.28
CA GLN A 180 0.82 15.20 -2.77
C GLN A 180 -0.04 16.20 -2.00
N GLU A 181 -0.09 16.10 -0.68
CA GLU A 181 -0.92 17.01 0.12
C GLU A 181 -0.31 18.39 0.39
N ARG A 182 0.98 18.53 0.11
CA ARG A 182 1.68 19.80 0.30
C ARG A 182 2.33 20.31 -1.00
N GLY A 183 1.56 20.34 -2.08
CA GLY A 183 2.11 20.79 -3.34
C GLY A 183 2.47 19.58 -4.19
N VAL A 184 2.33 19.71 -5.50
CA VAL A 184 2.61 18.61 -6.41
C VAL A 184 4.08 18.33 -6.74
N ASN A 185 4.52 17.11 -6.45
CA ASN A 185 5.88 16.69 -6.74
C ASN A 185 5.82 16.08 -8.15
N GLU A 186 6.40 16.77 -9.12
CA GLU A 186 6.39 16.36 -10.51
C GLU A 186 6.88 14.94 -10.80
N SER A 187 8.00 14.54 -10.20
CA SER A 187 8.54 13.22 -10.44
C SER A 187 7.63 12.08 -9.92
N TYR A 188 6.93 12.30 -8.81
CA TYR A 188 6.00 11.30 -8.25
C TYR A 188 4.90 11.00 -9.26
N LYS A 189 4.37 12.06 -9.87
CA LYS A 189 3.32 11.95 -10.86
C LYS A 189 3.79 11.18 -12.11
N LYS A 190 4.91 11.62 -12.69
CA LYS A 190 5.45 10.98 -13.88
C LYS A 190 5.84 9.54 -13.59
N ASN A 191 6.42 9.29 -12.42
CA ASN A 191 6.83 7.95 -12.05
C ASN A 191 5.69 6.95 -11.90
N LEU A 192 4.58 7.37 -11.31
CA LEU A 192 3.45 6.48 -11.12
C LEU A 192 2.75 6.18 -12.44
N MET A 193 2.57 7.21 -13.26
CA MET A 193 1.91 7.04 -14.56
C MET A 193 2.75 6.15 -15.46
N ALA A 194 4.02 6.00 -15.11
CA ALA A 194 4.93 5.16 -15.87
C ALA A 194 4.61 3.67 -15.68
N LEU A 195 3.92 3.33 -14.59
CA LEU A 195 3.53 1.94 -14.35
C LEU A 195 2.62 1.54 -15.51
N LYS A 196 2.41 0.24 -15.72
CA LYS A 196 1.53 -0.23 -16.79
C LYS A 196 0.15 -0.55 -16.23
N LYS A 197 0.13 -1.22 -15.07
CA LYS A 197 -1.12 -1.59 -14.42
C LYS A 197 -1.01 -1.38 -12.91
N PHE A 198 -2.03 -0.79 -12.33
CA PHE A 198 -2.09 -0.54 -10.89
C PHE A 198 -3.37 -1.24 -10.48
N VAL A 199 -3.24 -2.42 -9.90
CA VAL A 199 -4.36 -3.24 -9.46
C VAL A 199 -4.64 -3.12 -7.96
N MET A 200 -5.83 -2.65 -7.61
CA MET A 200 -6.23 -2.49 -6.22
C MET A 200 -7.31 -3.50 -5.81
N VAL A 201 -6.95 -4.37 -4.88
CA VAL A 201 -7.85 -5.41 -4.38
C VAL A 201 -8.50 -4.98 -3.06
N LYS A 202 -9.83 -4.95 -3.01
CA LYS A 202 -10.55 -4.55 -1.79
C LYS A 202 -11.37 -5.68 -1.19
N PHE A 203 -11.16 -5.94 0.09
CA PHE A 203 -11.92 -6.97 0.77
C PHE A 203 -13.22 -6.37 1.29
N LEU A 204 -14.31 -6.76 0.66
CA LEU A 204 -15.65 -6.26 0.97
C LEU A 204 -16.09 -6.34 2.43
N ASN A 205 -15.65 -7.35 3.15
CA ASN A 205 -16.09 -7.49 4.54
C ASN A 205 -14.99 -7.22 5.55
N ASP A 206 -14.05 -6.36 5.15
CA ASP A 206 -12.91 -5.99 5.98
C ASP A 206 -13.34 -5.33 7.29
N THR A 207 -12.83 -5.84 8.41
CA THR A 207 -13.17 -5.29 9.71
C THR A 207 -11.95 -4.60 10.33
N ILE A 208 -10.78 -4.86 9.75
CA ILE A 208 -9.53 -4.31 10.26
C ILE A 208 -9.20 -2.90 9.75
N VAL A 209 -9.42 -2.67 8.44
CA VAL A 209 -9.16 -1.38 7.79
C VAL A 209 -10.39 -0.47 7.80
N ASP A 210 -10.25 0.70 8.44
CA ASP A 210 -11.32 1.67 8.54
C ASP A 210 -10.81 3.04 8.01
N PRO A 211 -11.38 3.54 6.91
CA PRO A 211 -12.47 2.99 6.09
C PRO A 211 -11.99 2.04 4.99
N VAL A 212 -12.75 0.99 4.74
CA VAL A 212 -12.42 -0.01 3.72
C VAL A 212 -12.19 0.56 2.32
N ASP A 213 -12.81 1.70 2.04
CA ASP A 213 -12.67 2.34 0.75
C ASP A 213 -11.21 2.74 0.46
N SER A 214 -10.43 2.88 1.53
CA SER A 214 -9.02 3.26 1.41
C SER A 214 -8.30 2.25 0.53
N GLU A 215 -8.82 1.04 0.49
CA GLU A 215 -8.24 -0.03 -0.31
C GLU A 215 -8.39 0.25 -1.82
N TRP A 216 -9.35 1.11 -2.17
CA TRP A 216 -9.57 1.50 -3.56
C TRP A 216 -9.25 2.99 -3.75
N PHE A 217 -8.38 3.52 -2.90
CA PHE A 217 -7.96 4.92 -2.94
C PHE A 217 -9.07 5.92 -2.61
N GLY A 218 -10.08 5.46 -1.87
CA GLY A 218 -11.16 6.33 -1.44
C GLY A 218 -10.95 6.71 0.02
N PHE A 219 -11.90 7.43 0.63
CA PHE A 219 -11.77 7.85 2.02
C PHE A 219 -12.99 8.62 2.55
N TYR A 220 -13.00 8.87 3.87
CA TYR A 220 -14.07 9.64 4.49
C TYR A 220 -14.08 11.03 3.86
N ARG A 221 -15.26 11.58 3.65
CA ARG A 221 -15.41 12.92 3.06
C ARG A 221 -14.80 13.90 4.07
N SER A 222 -14.07 14.90 3.58
CA SER A 222 -13.43 15.86 4.46
C SER A 222 -14.40 16.56 5.43
N GLY A 223 -13.93 16.79 6.65
CA GLY A 223 -14.74 17.47 7.64
C GLY A 223 -15.45 16.56 8.63
N GLN A 224 -15.59 15.28 8.29
CA GLN A 224 -16.26 14.34 9.17
C GLN A 224 -15.72 12.91 9.03
N ALA A 225 -16.29 11.97 9.80
CA ALA A 225 -15.84 10.59 9.75
C ALA A 225 -16.95 9.53 9.67
N LYS A 226 -17.98 9.78 8.88
CA LYS A 226 -19.07 8.83 8.72
C LYS A 226 -19.25 8.46 7.25
N GLU A 227 -19.54 9.44 6.39
CA GLU A 227 -19.73 9.16 4.96
C GLU A 227 -18.41 9.23 4.19
N THR A 228 -18.26 8.34 3.20
CA THR A 228 -17.05 8.30 2.39
C THR A 228 -17.33 8.52 0.90
N ILE A 229 -16.30 8.99 0.18
CA ILE A 229 -16.40 9.22 -1.26
C ILE A 229 -15.33 8.40 -2.00
N PRO A 230 -15.63 7.98 -3.24
CA PRO A 230 -14.70 7.18 -4.04
C PRO A 230 -13.56 8.03 -4.58
N LEU A 231 -12.54 7.39 -5.13
CA LEU A 231 -11.38 8.09 -5.70
C LEU A 231 -11.77 9.15 -6.73
N GLN A 232 -12.68 8.79 -7.63
CA GLN A 232 -13.13 9.67 -8.71
C GLN A 232 -13.64 11.04 -8.27
N GLU A 233 -14.37 11.06 -7.16
CA GLU A 233 -14.93 12.31 -6.64
C GLU A 233 -13.98 13.11 -5.75
N SER A 234 -12.79 12.58 -5.48
CA SER A 234 -11.86 13.29 -4.61
C SER A 234 -10.98 14.29 -5.35
N THR A 235 -10.51 15.29 -4.61
CA THR A 235 -9.66 16.34 -5.15
C THR A 235 -8.37 15.79 -5.75
N LEU A 236 -7.85 14.71 -5.17
CA LEU A 236 -6.62 14.10 -5.67
C LEU A 236 -6.82 13.70 -7.14
N TYR A 237 -7.99 13.16 -7.45
CA TYR A 237 -8.34 12.71 -8.78
C TYR A 237 -8.68 13.92 -9.67
N THR A 238 -9.59 14.75 -9.17
CA THR A 238 -10.06 15.96 -9.84
C THR A 238 -8.97 16.88 -10.38
N GLN A 239 -7.92 17.12 -9.60
CA GLN A 239 -6.80 17.97 -9.99
C GLN A 239 -5.60 17.19 -10.53
N ASP A 240 -5.69 15.86 -10.44
CA ASP A 240 -4.66 14.95 -10.92
C ASP A 240 -3.25 15.11 -10.41
N ARG A 241 -3.11 15.33 -9.11
CA ARG A 241 -1.78 15.48 -8.51
C ARG A 241 -0.92 14.24 -8.66
N LEU A 242 -1.54 13.10 -8.90
CA LEU A 242 -0.80 11.85 -9.05
C LEU A 242 -0.85 11.26 -10.46
N GLY A 243 -1.76 11.77 -11.28
CA GLY A 243 -1.91 11.29 -12.64
C GLY A 243 -2.92 10.15 -12.71
N LEU A 244 -3.68 9.98 -11.63
CA LEU A 244 -4.68 8.91 -11.51
C LEU A 244 -5.83 8.99 -12.50
N LYS A 245 -6.24 10.20 -12.85
CA LYS A 245 -7.35 10.40 -13.79
C LYS A 245 -6.86 9.99 -15.19
N ALA A 246 -5.67 10.45 -15.55
CA ALA A 246 -5.08 10.13 -16.84
C ALA A 246 -4.93 8.61 -16.96
N MET A 247 -4.32 8.00 -15.94
CA MET A 247 -4.12 6.56 -15.92
C MET A 247 -5.45 5.82 -16.05
N ASP A 248 -6.47 6.30 -15.35
CA ASP A 248 -7.78 5.67 -15.40
C ASP A 248 -8.34 5.76 -16.83
N LYS A 249 -8.10 6.89 -17.48
CA LYS A 249 -8.58 7.10 -18.84
C LYS A 249 -7.93 6.09 -19.78
N ALA A 250 -6.64 5.84 -19.54
CA ALA A 250 -5.86 4.93 -20.36
C ALA A 250 -6.05 3.44 -20.01
N GLY A 251 -6.87 3.16 -19.02
CA GLY A 251 -7.10 1.78 -18.63
C GLY A 251 -6.01 1.14 -17.81
N GLN A 252 -5.20 1.96 -17.13
CA GLN A 252 -4.11 1.45 -16.29
C GLN A 252 -4.57 1.12 -14.85
N LEU A 253 -5.78 1.51 -14.48
CA LEU A 253 -6.28 1.23 -13.12
C LEU A 253 -7.32 0.11 -13.12
N VAL A 254 -7.10 -0.90 -12.29
CA VAL A 254 -8.01 -2.02 -12.17
C VAL A 254 -8.54 -2.10 -10.73
N PHE A 255 -9.87 -2.08 -10.57
CA PHE A 255 -10.47 -2.17 -9.24
C PHE A 255 -11.12 -3.53 -9.01
N LEU A 256 -10.47 -4.36 -8.21
CA LEU A 256 -10.99 -5.70 -7.89
C LEU A 256 -11.50 -5.79 -6.46
N ALA A 257 -12.50 -6.64 -6.25
CA ALA A 257 -13.08 -6.83 -4.92
C ALA A 257 -13.53 -8.27 -4.73
N LEU A 258 -13.69 -8.65 -3.47
CA LEU A 258 -14.14 -10.00 -3.12
C LEU A 258 -14.61 -10.02 -1.68
N GLU A 259 -15.53 -10.93 -1.37
CA GLU A 259 -16.06 -11.06 -0.03
C GLU A 259 -15.02 -11.72 0.88
N GLY A 260 -15.04 -11.35 2.14
CA GLY A 260 -14.10 -11.90 3.09
C GLY A 260 -13.50 -10.81 3.96
N ASP A 261 -12.77 -11.20 5.00
CA ASP A 261 -12.14 -10.24 5.89
C ASP A 261 -10.76 -9.90 5.34
N HIS A 262 -10.02 -9.08 6.09
CA HIS A 262 -8.69 -8.64 5.68
C HIS A 262 -7.74 -9.75 5.30
N LEU A 263 -7.21 -9.66 4.07
CA LEU A 263 -6.25 -10.66 3.57
C LEU A 263 -6.77 -12.10 3.59
N GLN A 264 -8.08 -12.27 3.50
CA GLN A 264 -8.71 -13.59 3.46
C GLN A 264 -9.06 -13.91 2.00
N LEU A 265 -8.22 -14.70 1.35
CA LEU A 265 -8.45 -15.06 -0.04
C LEU A 265 -8.18 -16.54 -0.33
N SER A 266 -8.91 -17.08 -1.30
CA SER A 266 -8.75 -18.49 -1.68
C SER A 266 -7.75 -18.70 -2.79
N GLU A 267 -7.23 -19.92 -2.92
CA GLU A 267 -6.28 -20.25 -3.97
C GLU A 267 -7.03 -20.06 -5.27
N GLU A 268 -8.30 -20.45 -5.25
CA GLU A 268 -9.19 -20.34 -6.40
C GLU A 268 -9.16 -18.92 -6.93
N TRP A 269 -9.37 -17.96 -6.03
CA TRP A 269 -9.40 -16.55 -6.39
C TRP A 269 -8.00 -16.05 -6.82
N PHE A 270 -6.98 -16.46 -6.08
CA PHE A 270 -5.60 -16.05 -6.38
C PHE A 270 -5.12 -16.54 -7.75
N TYR A 271 -5.60 -17.70 -8.18
CA TYR A 271 -5.21 -18.25 -9.46
C TYR A 271 -6.02 -17.65 -10.60
N ALA A 272 -7.26 -17.26 -10.28
CA ALA A 272 -8.18 -16.69 -11.26
C ALA A 272 -8.17 -15.17 -11.47
N HIS A 273 -7.55 -14.41 -10.57
CA HIS A 273 -7.54 -12.96 -10.71
C HIS A 273 -6.20 -12.26 -10.52
N ILE A 274 -5.23 -12.89 -9.88
CA ILE A 274 -3.95 -12.25 -9.66
C ILE A 274 -2.84 -12.73 -10.58
N ILE A 275 -2.72 -14.05 -10.72
CA ILE A 275 -1.71 -14.67 -11.56
C ILE A 275 -1.69 -14.04 -12.97
N PRO A 276 -2.87 -13.77 -13.54
CA PRO A 276 -2.91 -13.17 -14.88
C PRO A 276 -2.10 -11.88 -15.01
N PHE A 277 -1.95 -11.14 -13.91
CA PHE A 277 -1.19 -9.89 -13.92
C PHE A 277 0.29 -10.11 -13.73
N LEU A 278 0.68 -11.32 -13.37
CA LEU A 278 2.08 -11.64 -13.16
C LEU A 278 2.71 -12.39 -14.32
N GLU A 279 1.88 -13.11 -15.07
CA GLU A 279 2.38 -13.88 -16.21
C GLU A 279 2.71 -13.00 -17.40
C1 NAG B . -19.87 -9.11 3.98
C2 NAG B . -21.05 -9.69 3.17
C3 NAG B . -21.06 -9.19 1.73
C4 NAG B . -20.97 -7.67 1.71
C5 NAG B . -19.66 -7.28 2.38
C6 NAG B . -19.45 -5.76 2.37
C7 NAG B . -21.52 -11.82 4.16
C8 NAG B . -20.72 -11.96 5.44
N2 NAG B . -20.97 -11.13 3.18
O3 NAG B . -22.26 -9.60 1.09
O4 NAG B . -21.01 -7.18 0.37
O5 NAG B . -19.65 -7.70 3.77
O6 NAG B . -20.42 -5.10 3.17
O7 NAG B . -22.63 -12.34 4.06
C1 NAG B . -22.06 -6.32 0.03
C2 NAG B . -23.39 -7.09 -0.01
C3 NAG B . -24.57 -6.13 -0.21
C4 NAG B . -24.50 -4.91 0.72
C5 NAG B . -23.10 -4.27 0.70
C6 NAG B . -22.96 -3.17 1.73
C7 NAG B . -24.34 -8.93 -1.26
C8 NAG B . -24.02 -10.40 -1.05
N2 NAG B . -23.36 -8.05 -1.09
O3 NAG B . -25.80 -6.82 0.03
O4 NAG B . -25.46 -3.95 0.33
O5 NAG B . -22.11 -5.26 1.01
O6 NAG B . -23.51 -3.55 2.98
O7 NAG B . -25.49 -8.61 -1.57
C1 NAG C . 0.31 23.98 9.18
C2 NAG C . -0.66 24.82 10.08
C3 NAG C . -1.28 26.07 9.41
C4 NAG C . -0.36 26.71 8.37
C5 NAG C . 0.10 25.62 7.43
C6 NAG C . 0.86 26.16 6.24
C7 NAG C . -1.72 23.40 11.71
C8 NAG C . -3.04 23.30 12.45
N2 NAG C . -1.75 23.97 10.51
O3 NAG C . -1.56 27.04 10.42
O4 NAG C . -1.08 27.71 7.66
O5 NAG C . 0.99 24.74 8.16
O6 NAG C . 0.09 27.15 5.58
O7 NAG C . -0.68 22.95 12.21
C1 NAG D . 10.04 15.08 -5.30
C2 NAG D . 10.83 15.88 -4.26
C3 NAG D . 12.32 15.78 -4.59
C4 NAG D . 12.73 14.30 -4.60
C5 NAG D . 11.86 13.52 -5.58
C6 NAG D . 12.13 12.02 -5.56
C7 NAG D . 10.28 18.00 -5.31
C8 NAG D . 8.87 18.42 -5.70
N2 NAG D . 10.42 17.27 -4.20
O3 NAG D . 13.09 16.49 -3.63
O4 NAG D . 14.10 14.18 -4.95
O5 NAG D . 10.46 13.71 -5.27
O6 NAG D . 11.31 11.32 -6.50
O7 NAG D . 11.24 18.34 -6.01
#